data_1RTL
#
_entry.id   1RTL
#
_cell.length_a   224.082
_cell.length_b   224.082
_cell.length_c   75.694
_cell.angle_alpha   90.00
_cell.angle_beta   90.00
_cell.angle_gamma   120.00
#
_symmetry.space_group_name_H-M   'H 3 2'
#
loop_
_entity.id
_entity.type
_entity.pdbx_description
1 polymer 'NS3 protease/helicase'
2 polymer 'NS4A COFACTOR'
3 non-polymer 'ZINC ION'
4 non-polymer N-[(2R,3S)-1-((2S)-2-{[(CYCLOPENTYLAMINO)CARBONYL]AMINO}-3-METHYLBUTANOYL)-2-(1-FORMYL-1-CYCLOBUTYL)PYRROLIDINYL]CYCLOPROPANECARBOXAMIDE
5 water water
#
loop_
_entity_poly.entity_id
_entity_poly.type
_entity_poly.pdbx_seq_one_letter_code
_entity_poly.pdbx_strand_id
1 'polypeptide(L)'
;MASMTGGQQMGAPITAYAQQTRGLLGCIITSLTGRDKNQVEGEVQIVSTATQTFLATCINGVCWTVYHGAGTRTIASPKG
PVIQMYTNVDQDLVGWPAPQGSRSLTPCTCGSSDLYLVTRHADVIPVRRRGDSRGSLLSPRPISYLKGSSGGPLLCPAGH
AVGLFRAAVCTRGVTKAVDFIPVENLETTMRSGSHHHHHH
;
A,B
2 'polypeptide(L)' KKGSVVIVGRIVLSGKPAIIPKK C,D
#
# COMPACT_ATOMS: atom_id res chain seq x y z
N ALA A 12 6.86 -8.95 2.12
CA ALA A 12 5.94 -9.67 1.21
C ALA A 12 5.43 -8.51 0.37
N PRO A 13 4.10 -8.33 0.18
CA PRO A 13 3.59 -7.19 -0.63
C PRO A 13 3.70 -5.87 0.15
N ILE A 14 4.06 -4.83 -0.59
CA ILE A 14 4.07 -3.49 -0.05
C ILE A 14 2.63 -2.98 0.22
N THR A 15 2.37 -2.57 1.45
CA THR A 15 1.13 -1.91 1.79
C THR A 15 1.54 -0.81 2.70
N ALA A 16 0.81 0.29 2.69
CA ALA A 16 1.14 1.43 3.53
C ALA A 16 -0.11 2.04 4.13
N TYR A 17 0.05 2.72 5.27
CA TYR A 17 -1.00 3.64 5.79
C TYR A 17 -0.43 4.99 6.23
N ALA A 18 -1.28 6.03 6.19
CA ALA A 18 -0.93 7.39 6.67
C ALA A 18 -1.61 7.70 7.94
N GLN A 19 -0.94 8.43 8.80
CA GLN A 19 -1.53 9.02 10.00
C GLN A 19 -1.09 10.49 10.06
N GLN A 20 -2.01 11.40 10.33
CA GLN A 20 -1.69 12.83 10.47
C GLN A 20 -1.33 13.10 11.92
N THR A 21 -0.26 13.79 12.21
CA THR A 21 0.07 13.97 13.61
C THR A 21 -0.04 15.41 14.10
N ARG A 22 -0.28 16.35 13.20
CA ARG A 22 -0.29 17.76 13.56
C ARG A 22 -1.20 18.45 12.59
N GLY A 23 -1.89 19.50 13.05
CA GLY A 23 -2.72 20.36 12.19
C GLY A 23 -1.94 21.63 11.86
N LEU A 24 -2.55 22.48 11.02
CA LEU A 24 -1.88 23.70 10.53
C LEU A 24 -1.34 24.63 11.63
N LEU A 25 -2.19 24.93 12.60
CA LEU A 25 -1.77 25.72 13.70
C LEU A 25 -0.58 25.17 14.46
N GLY A 26 -0.55 23.86 14.71
CA GLY A 26 0.54 23.24 15.49
C GLY A 26 1.85 23.15 14.72
N CYS A 27 1.69 22.98 13.41
CA CYS A 27 2.79 22.91 12.53
C CYS A 27 3.53 24.25 12.56
N ILE A 28 2.78 25.31 12.27
CA ILE A 28 3.35 26.66 12.34
C ILE A 28 4.08 26.93 13.66
N ILE A 29 3.42 26.70 14.77
CA ILE A 29 4.09 26.95 16.03
C ILE A 29 5.40 26.17 16.08
N THR A 30 5.35 24.95 15.59
CA THR A 30 6.51 24.06 15.68
C THR A 30 7.63 24.49 14.70
N SER A 31 7.21 24.92 13.53
CA SER A 31 8.16 25.48 12.56
C SER A 31 9.00 26.57 13.21
N LEU A 32 8.32 27.46 13.96
CA LEU A 32 8.96 28.56 14.70
C LEU A 32 9.72 28.08 15.96
N THR A 33 9.09 27.37 16.89
CA THR A 33 9.89 26.93 18.03
C THR A 33 11.03 26.01 17.65
N GLY A 34 10.86 25.30 16.53
CA GLY A 34 11.75 24.21 16.11
C GLY A 34 11.80 23.09 17.13
N ARG A 35 10.82 23.05 18.03
CA ARG A 35 10.81 21.98 19.02
C ARG A 35 9.61 21.04 18.76
N ASP A 36 9.87 19.79 18.36
CA ASP A 36 8.85 18.75 18.12
C ASP A 36 8.95 17.59 19.16
N LYS A 37 7.94 17.52 20.01
CA LYS A 37 7.91 16.59 21.12
C LYS A 37 7.18 15.28 20.81
N ASN A 38 6.32 15.31 19.78
CA ASN A 38 5.56 14.16 19.24
C ASN A 38 6.42 12.93 19.01
N GLN A 39 5.88 11.71 19.19
CA GLN A 39 6.75 10.55 18.86
C GLN A 39 6.66 10.24 17.37
N VAL A 40 7.74 9.64 16.91
CA VAL A 40 7.92 9.34 15.52
C VAL A 40 7.89 7.83 15.27
N GLU A 41 7.22 7.46 14.19
CA GLU A 41 7.18 6.10 13.73
C GLU A 41 7.23 6.11 12.23
N GLY A 42 7.55 4.95 11.68
CA GLY A 42 7.48 4.77 10.24
C GLY A 42 8.71 5.15 9.44
N GLU A 43 8.65 4.83 8.17
CA GLU A 43 9.76 4.96 7.25
C GLU A 43 9.72 6.24 6.44
N VAL A 44 8.51 6.77 6.22
CA VAL A 44 8.39 8.02 5.47
C VAL A 44 7.72 9.03 6.38
N GLN A 45 8.31 10.21 6.50
CA GLN A 45 7.72 11.31 7.26
C GLN A 45 7.01 12.31 6.33
N ILE A 46 5.80 12.77 6.69
CA ILE A 46 5.13 13.81 5.93
C ILE A 46 5.58 15.08 6.59
N VAL A 47 6.17 15.96 5.79
CA VAL A 47 6.80 17.19 6.31
C VAL A 47 6.26 18.40 5.63
N SER A 48 6.36 19.52 6.31
CA SER A 48 5.78 20.77 5.83
C SER A 48 6.68 21.93 6.17
N THR A 49 6.59 22.97 5.34
CA THR A 49 7.22 24.26 5.65
C THR A 49 6.08 25.25 5.77
N ALA A 50 6.39 26.52 5.54
CA ALA A 50 5.37 27.56 5.57
C ALA A 50 4.57 27.41 4.28
N THR A 51 5.25 27.40 3.14
CA THR A 51 4.60 27.27 1.84
C THR A 51 4.21 25.85 1.43
N GLN A 52 4.84 24.81 1.98
CA GLN A 52 4.80 23.50 1.29
C GLN A 52 4.88 22.19 2.04
N THR A 53 4.36 21.15 1.40
CA THR A 53 4.36 19.81 2.00
C THR A 53 4.98 18.79 1.11
N PHE A 54 5.80 17.95 1.68
CA PHE A 54 6.36 16.90 0.88
C PHE A 54 6.69 15.74 1.77
N LEU A 55 7.47 14.80 1.24
CA LEU A 55 7.81 13.60 1.98
C LEU A 55 9.28 13.51 2.24
N ALA A 56 9.65 12.82 3.31
CA ALA A 56 11.05 12.60 3.62
C ALA A 56 11.21 11.14 3.96
N THR A 57 12.09 10.45 3.25
CA THR A 57 12.25 9.03 3.40
C THR A 57 13.46 8.67 4.27
N CYS A 58 13.33 7.71 5.18
CA CYS A 58 14.47 7.34 5.97
C CYS A 58 15.18 6.16 5.32
N ILE A 59 16.42 6.41 4.89
CA ILE A 59 17.24 5.35 4.36
C ILE A 59 18.57 5.38 5.03
N ASN A 60 19.04 4.20 5.43
CA ASN A 60 20.33 4.09 6.13
C ASN A 60 20.49 5.06 7.32
N GLY A 61 19.59 5.01 8.28
CA GLY A 61 19.69 5.88 9.43
C GLY A 61 19.56 7.36 9.19
N VAL A 62 19.35 7.79 7.93
CA VAL A 62 19.24 9.22 7.62
C VAL A 62 17.91 9.56 7.00
N CYS A 63 17.29 10.66 7.39
CA CYS A 63 16.00 11.00 6.82
C CYS A 63 16.23 12.02 5.72
N TRP A 64 15.89 11.63 4.48
CA TRP A 64 16.21 12.36 3.26
C TRP A 64 15.02 13.00 2.64
N THR A 65 15.23 14.08 1.92
CA THR A 65 14.18 14.67 1.12
C THR A 65 14.77 15.56 0.03
N VAL A 66 13.90 16.22 -0.72
CA VAL A 66 14.41 17.04 -1.81
C VAL A 66 14.81 18.43 -1.35
N TYR A 67 15.88 18.91 -1.97
CA TYR A 67 16.41 20.21 -1.62
C TYR A 67 15.45 21.31 -2.05
N HIS A 68 14.82 21.10 -3.20
CA HIS A 68 13.92 22.09 -3.75
C HIS A 68 12.71 22.30 -2.84
N GLY A 69 12.61 21.52 -1.75
CA GLY A 69 11.55 21.75 -0.79
C GLY A 69 12.05 22.20 0.56
N ALA A 70 13.06 21.50 1.08
CA ALA A 70 13.61 21.75 2.39
C ALA A 70 14.57 22.90 2.41
N GLY A 71 15.23 23.15 1.26
CA GLY A 71 16.32 24.10 1.22
C GLY A 71 17.38 23.71 2.26
N THR A 72 17.94 24.68 2.94
CA THR A 72 18.98 24.34 3.93
C THR A 72 18.33 24.21 5.31
N ARG A 73 16.98 24.22 5.33
CA ARG A 73 16.18 24.34 6.55
C ARG A 73 16.58 23.28 7.59
N THR A 74 16.42 23.59 8.87
CA THR A 74 16.56 22.54 9.91
C THR A 74 15.22 21.73 10.08
N ILE A 75 15.30 20.62 10.79
CA ILE A 75 14.11 19.87 11.08
C ILE A 75 13.76 19.98 12.57
N ALA A 76 12.48 20.23 12.88
CA ALA A 76 12.07 20.30 14.30
C ALA A 76 12.25 18.95 14.98
N SER A 77 12.71 18.95 16.22
CA SER A 77 12.97 17.70 16.95
C SER A 77 12.66 17.80 18.48
N PRO A 78 12.76 16.72 19.23
CA PRO A 78 12.43 16.84 20.65
C PRO A 78 13.46 17.73 21.35
N LYS A 79 14.58 18.04 20.69
CA LYS A 79 15.67 18.81 21.30
C LYS A 79 15.96 20.16 20.60
N GLY A 80 14.96 20.67 19.89
CA GLY A 80 15.09 21.91 19.13
C GLY A 80 15.49 21.64 17.67
N PRO A 81 15.82 22.69 16.91
CA PRO A 81 16.14 22.47 15.50
C PRO A 81 17.36 21.58 15.34
N VAL A 82 17.35 20.80 14.24
CA VAL A 82 18.43 19.89 13.86
C VAL A 82 18.87 20.18 12.42
N ILE A 83 20.20 20.33 12.29
CA ILE A 83 20.88 20.82 11.10
C ILE A 83 21.07 19.68 10.13
N GLN A 84 21.02 19.98 8.85
CA GLN A 84 21.28 18.94 7.86
C GLN A 84 22.64 18.30 8.06
N MET A 85 22.73 17.05 7.68
CA MET A 85 23.94 16.25 7.73
C MET A 85 24.52 16.18 6.34
N TYR A 86 23.72 16.45 5.32
CA TYR A 86 24.14 16.33 3.93
C TYR A 86 23.32 17.31 3.22
N THR A 87 23.94 17.99 2.26
CA THR A 87 23.26 18.95 1.44
C THR A 87 23.96 18.90 0.10
N ASN A 88 23.29 18.42 -0.94
CA ASN A 88 23.90 18.43 -2.23
C ASN A 88 22.97 19.09 -3.23
N VAL A 89 23.18 20.37 -3.48
CA VAL A 89 22.30 21.11 -4.38
C VAL A 89 22.12 20.51 -5.79
N ASP A 90 23.21 19.97 -6.37
CA ASP A 90 23.13 19.46 -7.74
C ASP A 90 22.28 18.24 -7.77
N GLN A 91 22.47 17.37 -6.78
CA GLN A 91 21.61 16.21 -6.65
C GLN A 91 20.15 16.44 -6.22
N ASP A 92 19.85 17.59 -5.61
CA ASP A 92 18.50 17.98 -5.15
C ASP A 92 18.13 17.08 -3.96
N LEU A 93 19.13 16.81 -3.14
CA LEU A 93 19.04 15.88 -2.05
C LEU A 93 19.40 16.53 -0.72
N VAL A 94 18.74 16.19 0.37
CA VAL A 94 19.12 16.80 1.65
C VAL A 94 18.85 15.71 2.62
N GLY A 95 19.54 15.74 3.76
CA GLY A 95 19.35 14.69 4.77
C GLY A 95 19.65 15.17 6.17
N TRP A 96 18.81 14.77 7.13
CA TRP A 96 19.00 15.05 8.55
C TRP A 96 19.23 13.69 9.15
N PRO A 97 19.80 13.58 10.37
CA PRO A 97 19.82 12.26 11.00
C PRO A 97 18.34 11.81 11.25
N ALA A 98 18.03 10.55 11.00
CA ALA A 98 16.68 10.05 11.10
C ALA A 98 16.15 10.23 12.51
N PRO A 99 14.93 10.75 12.67
CA PRO A 99 14.37 10.95 14.01
C PRO A 99 14.39 9.73 14.91
N GLN A 100 14.52 9.94 16.22
CA GLN A 100 14.28 8.87 17.19
C GLN A 100 12.93 8.22 16.98
N GLY A 101 12.99 6.90 16.76
CA GLY A 101 11.80 6.10 16.51
C GLY A 101 11.34 5.84 15.06
N SER A 102 11.88 6.55 14.07
CA SER A 102 11.59 6.21 12.69
C SER A 102 12.27 4.90 12.38
N ARG A 103 11.92 4.34 11.23
CA ARG A 103 12.55 3.08 10.81
C ARG A 103 13.12 3.28 9.43
N SER A 104 14.17 2.53 9.10
CA SER A 104 14.85 2.88 7.88
C SER A 104 14.64 1.89 6.73
N LEU A 105 14.55 2.37 5.48
CA LEU A 105 14.46 1.49 4.33
C LEU A 105 15.83 0.91 4.01
N THR A 106 15.85 -0.24 3.35
CA THR A 106 17.10 -0.88 2.92
C THR A 106 17.31 -0.49 1.48
N PRO A 107 18.50 -0.10 1.08
CA PRO A 107 18.73 0.17 -0.34
C PRO A 107 18.60 -1.13 -1.11
N CYS A 108 17.98 -1.01 -2.29
CA CYS A 108 17.74 -2.12 -3.21
C CYS A 108 19.02 -2.60 -3.81
N THR A 109 19.15 -3.91 -3.90
CA THR A 109 20.34 -4.46 -4.59
C THR A 109 19.98 -5.49 -5.70
N CYS A 110 18.69 -5.73 -5.96
CA CYS A 110 18.23 -6.71 -6.97
C CYS A 110 18.19 -6.09 -8.40
N GLY A 111 18.55 -4.83 -8.52
CA GLY A 111 18.45 -4.18 -9.81
C GLY A 111 17.14 -4.36 -10.60
N SER A 112 16.02 -4.74 -9.98
CA SER A 112 14.70 -4.85 -10.66
C SER A 112 14.25 -3.56 -11.39
N SER A 113 13.36 -3.72 -12.37
CA SER A 113 12.91 -2.61 -13.18
C SER A 113 11.46 -2.31 -12.87
N ASP A 114 10.90 -3.11 -11.98
CA ASP A 114 9.54 -2.95 -11.52
C ASP A 114 9.53 -2.22 -10.21
N LEU A 115 9.17 -0.94 -10.32
CA LEU A 115 9.23 -0.01 -9.22
C LEU A 115 7.84 0.28 -8.63
N TYR A 116 7.81 0.68 -7.35
CA TYR A 116 6.57 1.05 -6.67
C TYR A 116 6.73 2.35 -5.91
N LEU A 117 6.07 3.42 -6.37
CA LEU A 117 6.06 4.72 -5.69
C LEU A 117 5.04 4.76 -4.56
N VAL A 118 5.45 5.28 -3.41
CA VAL A 118 4.60 5.39 -2.24
C VAL A 118 4.29 6.83 -2.07
N THR A 119 3.02 7.18 -2.25
CA THR A 119 2.51 8.57 -2.23
C THR A 119 2.15 9.05 -0.83
N ARG A 120 1.94 10.37 -0.71
CA ARG A 120 1.62 10.94 0.62
C ARG A 120 0.27 10.44 1.07
N HIS A 121 -0.56 9.94 0.18
CA HIS A 121 -1.81 9.35 0.63
C HIS A 121 -1.63 7.87 1.00
N ALA A 122 -0.41 7.38 0.97
CA ALA A 122 -0.12 6.00 1.34
C ALA A 122 -0.69 5.01 0.29
N ASP A 123 -0.69 5.41 -0.98
CA ASP A 123 -1.00 4.47 -2.00
C ASP A 123 0.32 4.04 -2.57
N VAL A 124 0.35 2.84 -3.15
CA VAL A 124 1.53 2.31 -3.80
C VAL A 124 1.26 2.26 -5.30
N ILE A 125 1.99 2.97 -6.11
CA ILE A 125 1.62 2.88 -7.53
C ILE A 125 2.74 2.36 -8.39
N PRO A 126 2.42 1.41 -9.26
CA PRO A 126 3.43 0.76 -10.14
C PRO A 126 4.11 1.72 -11.06
N VAL A 127 5.43 1.58 -11.15
CA VAL A 127 6.25 2.43 -12.03
C VAL A 127 7.29 1.56 -12.74
N ARG A 128 7.40 1.69 -14.06
CA ARG A 128 8.40 0.92 -14.83
C ARG A 128 9.65 1.73 -15.09
N ARG A 129 10.77 1.18 -14.65
CA ARG A 129 12.06 1.85 -14.79
C ARG A 129 12.37 1.94 -16.27
N ARG A 130 12.93 3.07 -16.68
CA ARG A 130 13.20 3.34 -18.10
C ARG A 130 14.47 4.13 -18.20
N GLY A 131 15.46 3.87 -17.35
CA GLY A 131 16.63 4.71 -17.30
C GLY A 131 17.17 4.71 -15.89
N ASP A 132 18.22 5.52 -15.65
CA ASP A 132 18.90 5.61 -14.36
C ASP A 132 18.12 6.35 -13.27
N SER A 133 17.31 7.31 -13.75
CA SER A 133 16.62 8.29 -12.96
C SER A 133 15.21 8.64 -13.46
N ARG A 134 14.67 7.80 -14.34
CA ARG A 134 13.30 8.00 -14.84
C ARG A 134 12.51 6.71 -14.87
N GLY A 135 11.21 6.81 -14.64
CA GLY A 135 10.33 5.67 -14.74
C GLY A 135 8.97 6.14 -15.20
N SER A 136 8.18 5.24 -15.77
CA SER A 136 6.84 5.65 -16.22
C SER A 136 5.74 4.98 -15.41
N LEU A 137 4.64 5.70 -15.21
CA LEU A 137 3.51 5.23 -14.44
C LEU A 137 2.78 4.25 -15.33
N LEU A 138 2.38 3.09 -14.82
CA LEU A 138 1.67 2.12 -15.63
C LEU A 138 0.24 2.56 -15.78
N SER A 139 -0.25 3.28 -14.79
CA SER A 139 -1.60 3.87 -14.85
C SER A 139 -1.41 5.34 -14.51
N PRO A 140 -1.25 6.16 -15.54
CA PRO A 140 -1.04 7.62 -15.37
C PRO A 140 -2.05 8.25 -14.39
N ARG A 141 -1.71 9.37 -13.74
CA ARG A 141 -2.54 10.00 -12.71
C ARG A 141 -2.60 11.54 -12.84
N PRO A 142 -3.68 12.16 -12.36
CA PRO A 142 -3.72 13.63 -12.29
C PRO A 142 -2.60 14.21 -11.44
N ILE A 143 -1.91 15.23 -11.95
CA ILE A 143 -0.88 15.92 -11.18
C ILE A 143 -1.32 16.32 -9.74
N SER A 144 -2.57 16.67 -9.54
CA SER A 144 -3.03 17.03 -8.19
C SER A 144 -2.90 15.81 -7.24
N TYR A 145 -3.10 14.60 -7.74
CA TYR A 145 -2.90 13.42 -6.93
C TYR A 145 -1.45 13.29 -6.39
N LEU A 146 -0.46 13.62 -7.22
CA LEU A 146 0.91 13.46 -6.78
C LEU A 146 1.41 14.64 -5.95
N LYS A 147 0.61 15.68 -5.86
CA LYS A 147 0.96 16.88 -5.09
C LYS A 147 1.34 16.47 -3.66
N GLY A 148 2.38 17.06 -3.10
CA GLY A 148 2.81 16.67 -1.76
C GLY A 148 3.57 15.33 -1.63
N SER A 149 3.71 14.60 -2.73
CA SER A 149 4.46 13.36 -2.72
C SER A 149 5.96 13.34 -3.02
N SER A 150 6.53 14.44 -3.53
CA SER A 150 7.98 14.56 -3.76
C SER A 150 8.81 14.18 -2.53
N GLY A 151 9.81 13.33 -2.70
CA GLY A 151 10.63 12.89 -1.59
C GLY A 151 10.21 11.48 -1.22
N GLY A 152 9.06 11.01 -1.74
CA GLY A 152 8.56 9.68 -1.44
C GLY A 152 9.45 8.60 -2.01
N PRO A 153 9.48 7.43 -1.40
CA PRO A 153 10.33 6.35 -1.93
C PRO A 153 9.78 5.58 -3.15
N LEU A 154 10.71 5.10 -3.98
CA LEU A 154 10.39 4.13 -5.03
C LEU A 154 11.03 2.81 -4.56
N LEU A 155 10.18 1.82 -4.33
CA LEU A 155 10.57 0.51 -3.88
C LEU A 155 10.60 -0.51 -5.02
N CYS A 156 11.49 -1.48 -4.91
CA CYS A 156 11.55 -2.60 -5.84
C CYS A 156 10.58 -3.61 -5.25
N PRO A 157 10.36 -4.73 -5.93
CA PRO A 157 9.40 -5.72 -5.45
C PRO A 157 9.71 -6.29 -4.10
N ALA A 158 10.90 -6.09 -3.55
CA ALA A 158 11.15 -6.62 -2.21
C ALA A 158 10.95 -5.52 -1.14
N GLY A 159 10.49 -4.34 -1.56
CA GLY A 159 10.33 -3.21 -0.66
C GLY A 159 11.61 -2.51 -0.32
N HIS A 160 12.58 -2.57 -1.20
CA HIS A 160 13.84 -1.89 -0.88
C HIS A 160 13.90 -0.58 -1.64
N ALA A 161 14.65 0.37 -1.14
CA ALA A 161 14.58 1.69 -1.73
C ALA A 161 15.43 1.73 -2.98
N VAL A 162 14.80 2.08 -4.09
CA VAL A 162 15.48 2.24 -5.35
C VAL A 162 15.77 3.73 -5.56
N GLY A 163 14.86 4.60 -5.14
CA GLY A 163 15.11 6.03 -5.29
C GLY A 163 14.08 6.91 -4.63
N LEU A 164 14.27 8.20 -4.76
CA LEU A 164 13.37 9.14 -4.14
C LEU A 164 12.72 9.93 -5.29
N PHE A 165 11.38 10.02 -5.27
CA PHE A 165 10.61 10.75 -6.25
C PHE A 165 11.06 12.22 -6.20
N ARG A 166 11.54 12.75 -7.32
CA ARG A 166 12.11 14.13 -7.42
C ARG A 166 11.25 15.09 -8.23
N ALA A 167 10.68 14.58 -9.32
CA ALA A 167 9.87 15.41 -10.24
C ALA A 167 8.99 14.60 -11.18
N ALA A 168 7.98 15.31 -11.66
CA ALA A 168 7.01 14.73 -12.53
C ALA A 168 7.02 15.31 -13.94
N VAL A 169 6.77 14.43 -14.90
CA VAL A 169 6.56 14.81 -16.28
C VAL A 169 5.07 14.69 -16.47
N CYS A 170 4.45 15.84 -16.62
CA CYS A 170 3.03 15.87 -16.81
C CYS A 170 2.70 16.42 -18.22
N THR A 171 1.58 16.03 -18.81
CA THR A 171 1.15 16.60 -20.11
C THR A 171 -0.38 16.76 -20.11
N ARG A 172 -0.80 18.01 -20.05
CA ARG A 172 -2.20 18.37 -19.90
C ARG A 172 -2.74 17.98 -18.53
N GLY A 173 -1.88 18.17 -17.54
CA GLY A 173 -2.22 17.93 -16.15
C GLY A 173 -2.20 16.45 -15.78
N VAL A 174 -1.85 15.59 -16.73
CA VAL A 174 -1.77 14.15 -16.46
C VAL A 174 -0.31 13.71 -16.48
N THR A 175 0.09 13.00 -15.42
CA THR A 175 1.48 12.59 -15.17
C THR A 175 1.73 11.18 -15.69
N LYS A 176 2.77 11.00 -16.51
CA LYS A 176 3.10 9.68 -17.02
C LYS A 176 4.43 9.16 -16.55
N ALA A 177 5.36 10.05 -16.28
CA ALA A 177 6.67 9.60 -15.86
C ALA A 177 7.08 10.39 -14.67
N VAL A 178 8.04 9.86 -13.93
CA VAL A 178 8.55 10.52 -12.76
C VAL A 178 10.06 10.47 -12.80
N ASP A 179 10.67 11.57 -12.42
CA ASP A 179 12.12 11.56 -12.28
C ASP A 179 12.41 11.32 -10.86
N PHE A 180 13.45 10.54 -10.59
CA PHE A 180 13.83 10.29 -9.21
C PHE A 180 15.33 10.35 -8.91
N ILE A 181 15.71 10.61 -7.68
CA ILE A 181 17.08 10.53 -7.29
C ILE A 181 17.35 9.06 -6.93
N PRO A 182 18.26 8.38 -7.64
CA PRO A 182 18.56 6.95 -7.34
C PRO A 182 19.34 6.79 -6.03
N VAL A 183 19.14 5.65 -5.33
CA VAL A 183 19.78 5.39 -4.05
C VAL A 183 21.28 5.56 -4.09
N GLU A 184 21.89 5.11 -5.15
CA GLU A 184 23.35 5.29 -5.29
C GLU A 184 23.83 6.72 -5.16
N ASN A 185 23.10 7.66 -5.72
CA ASN A 185 23.39 9.05 -5.46
C ASN A 185 23.32 9.40 -3.96
N LEU A 186 22.53 8.63 -3.18
CA LEU A 186 22.47 8.87 -1.73
C LEU A 186 23.77 8.43 -1.16
N GLU A 187 24.16 7.21 -1.51
CA GLU A 187 25.41 6.65 -1.01
C GLU A 187 26.59 7.52 -1.43
N THR A 188 26.53 8.00 -2.67
CA THR A 188 27.53 8.93 -3.11
C THR A 188 27.57 10.17 -2.24
N THR A 189 26.39 10.66 -1.90
CA THR A 189 26.28 11.90 -1.15
C THR A 189 26.82 11.60 0.22
N MET A 190 26.64 10.35 0.64
CA MET A 190 27.17 9.99 1.94
C MET A 190 28.71 9.99 2.03
N ARG A 191 29.40 9.98 0.88
CA ARG A 191 30.86 10.25 0.87
C ARG A 191 31.13 11.59 0.25
N GLN B 39 -13.23 4.28 12.71
CA GLN B 39 -12.60 4.92 11.53
C GLN B 39 -11.71 3.96 10.69
N VAL B 40 -10.87 3.09 11.29
CA VAL B 40 -9.97 2.26 10.44
C VAL B 40 -10.82 1.44 9.48
N GLU B 41 -10.59 1.53 8.19
CA GLU B 41 -11.38 0.66 7.29
C GLU B 41 -10.71 -0.68 6.82
N GLY B 42 -11.50 -1.73 6.61
CA GLY B 42 -10.97 -3.02 6.20
C GLY B 42 -11.20 -3.29 4.71
N GLU B 43 -10.25 -3.90 3.97
CA GLU B 43 -10.59 -4.19 2.57
C GLU B 43 -11.11 -5.59 2.38
N VAL B 44 -10.96 -6.36 3.45
CA VAL B 44 -11.33 -7.74 3.44
C VAL B 44 -12.30 -8.01 4.57
N GLN B 45 -13.40 -8.67 4.22
CA GLN B 45 -14.39 -8.99 5.23
C GLN B 45 -14.41 -10.49 5.50
N ILE B 46 -14.54 -10.83 6.77
CA ILE B 46 -14.71 -12.21 7.20
C ILE B 46 -16.23 -12.44 7.32
N VAL B 47 -16.74 -13.33 6.46
CA VAL B 47 -18.17 -13.58 6.39
C VAL B 47 -18.63 -15.01 6.76
N SER B 48 -19.90 -15.11 7.16
CA SER B 48 -20.56 -16.36 7.49
C SER B 48 -22.00 -16.47 6.98
N THR B 49 -22.32 -17.72 6.58
CA THR B 49 -23.67 -18.24 6.39
C THR B 49 -23.91 -19.16 7.56
N ALA B 50 -25.06 -19.80 7.63
CA ALA B 50 -25.38 -20.62 8.80
C ALA B 50 -24.42 -21.79 8.91
N THR B 51 -23.96 -22.29 7.75
CA THR B 51 -23.06 -23.45 7.71
C THR B 51 -21.58 -23.08 7.55
N GLN B 52 -21.23 -22.47 6.41
CA GLN B 52 -19.85 -22.10 6.08
C GLN B 52 -19.31 -20.76 6.66
N THR B 53 -18.01 -20.52 6.50
CA THR B 53 -17.42 -19.21 6.84
C THR B 53 -16.28 -18.99 5.90
N PHE B 54 -16.19 -17.79 5.36
CA PHE B 54 -15.20 -17.53 4.32
C PHE B 54 -14.82 -16.01 4.25
N LEU B 55 -14.31 -15.58 3.11
CA LEU B 55 -13.89 -14.21 2.96
C LEU B 55 -14.55 -13.47 1.82
N ALA B 56 -14.58 -12.13 1.94
CA ALA B 56 -15.04 -11.28 0.82
C ALA B 56 -14.00 -10.18 0.67
N THR B 57 -13.79 -9.72 -0.56
CA THR B 57 -12.84 -8.65 -0.81
C THR B 57 -13.56 -7.52 -1.53
N CYS B 58 -13.27 -6.29 -1.09
CA CYS B 58 -13.84 -5.13 -1.72
C CYS B 58 -12.89 -4.59 -2.76
N ILE B 59 -13.36 -4.60 -4.00
CA ILE B 59 -12.66 -3.99 -5.13
C ILE B 59 -13.62 -3.10 -5.90
N ASN B 60 -13.17 -1.90 -6.21
CA ASN B 60 -13.98 -0.89 -6.90
C ASN B 60 -15.37 -0.65 -6.32
N GLY B 61 -15.50 -0.58 -5.01
CA GLY B 61 -16.79 -0.23 -4.45
C GLY B 61 -17.76 -1.38 -4.35
N VAL B 62 -17.36 -2.54 -4.87
CA VAL B 62 -18.15 -3.79 -4.74
C VAL B 62 -17.50 -4.77 -3.77
N CYS B 63 -18.30 -5.42 -2.95
CA CYS B 63 -17.79 -6.41 -2.01
C CYS B 63 -17.97 -7.72 -2.69
N TRP B 64 -16.89 -8.28 -3.23
CA TRP B 64 -16.93 -9.57 -3.94
C TRP B 64 -16.58 -10.80 -3.13
N THR B 65 -17.23 -11.90 -3.42
CA THR B 65 -16.89 -13.20 -2.85
C THR B 65 -17.29 -14.34 -3.79
N VAL B 66 -17.23 -15.56 -3.26
CA VAL B 66 -17.47 -16.75 -4.08
C VAL B 66 -18.92 -17.26 -4.05
N TYR B 67 -19.44 -17.58 -5.25
CA TYR B 67 -20.81 -18.15 -5.39
C TYR B 67 -20.97 -19.44 -4.59
N HIS B 68 -19.95 -20.27 -4.60
CA HIS B 68 -20.00 -21.47 -3.79
C HIS B 68 -20.06 -21.26 -2.26
N GLY B 69 -19.91 -20.03 -1.78
CA GLY B 69 -20.08 -19.72 -0.36
C GLY B 69 -21.38 -18.95 -0.12
N ALA B 70 -21.63 -17.93 -0.94
CA ALA B 70 -22.79 -17.05 -0.75
C ALA B 70 -24.11 -17.56 -1.38
N GLY B 71 -23.99 -18.15 -2.55
CA GLY B 71 -25.13 -18.51 -3.31
C GLY B 71 -25.63 -17.20 -3.85
N THR B 72 -26.94 -17.02 -3.69
CA THR B 72 -27.62 -15.82 -4.14
C THR B 72 -27.99 -15.08 -2.89
N ARG B 73 -27.38 -15.42 -1.76
CA ARG B 73 -27.87 -14.76 -0.55
C ARG B 73 -27.69 -13.23 -0.56
N THR B 74 -28.52 -12.56 0.22
CA THR B 74 -28.30 -11.17 0.50
C THR B 74 -27.23 -11.04 1.59
N ILE B 75 -26.55 -9.89 1.68
CA ILE B 75 -25.59 -9.64 2.77
C ILE B 75 -26.29 -8.82 3.82
N ALA B 76 -26.05 -9.07 5.09
CA ALA B 76 -26.69 -8.26 6.14
C ALA B 76 -26.23 -6.79 6.19
N SER B 77 -27.07 -5.93 6.73
CA SER B 77 -26.70 -4.52 6.96
C SER B 77 -27.63 -4.05 8.07
N PRO B 78 -27.26 -2.98 8.73
CA PRO B 78 -28.08 -2.51 9.83
C PRO B 78 -29.41 -1.90 9.32
N LYS B 79 -29.60 -1.76 8.00
CA LYS B 79 -30.86 -1.30 7.41
C LYS B 79 -31.60 -2.48 6.82
N GLY B 80 -31.19 -3.70 7.13
CA GLY B 80 -31.82 -4.89 6.57
C GLY B 80 -31.03 -5.42 5.40
N PRO B 81 -31.40 -6.60 4.92
CA PRO B 81 -30.66 -7.29 3.85
C PRO B 81 -30.48 -6.49 2.59
N VAL B 82 -29.35 -6.71 1.92
CA VAL B 82 -28.98 -5.96 0.71
C VAL B 82 -28.78 -6.97 -0.42
N ILE B 83 -29.40 -6.75 -1.58
CA ILE B 83 -29.34 -7.77 -2.65
C ILE B 83 -28.05 -7.70 -3.46
N GLN B 84 -27.61 -8.84 -4.00
CA GLN B 84 -26.40 -8.82 -4.82
C GLN B 84 -26.51 -7.93 -6.03
N MET B 85 -25.46 -7.17 -6.31
CA MET B 85 -25.39 -6.34 -7.52
C MET B 85 -24.99 -7.18 -8.68
N TYR B 86 -24.32 -8.29 -8.43
CA TYR B 86 -23.76 -9.13 -9.50
C TYR B 86 -23.85 -10.58 -9.10
N THR B 87 -24.27 -11.41 -10.06
CA THR B 87 -24.34 -12.84 -9.81
C THR B 87 -23.84 -13.44 -11.08
N ASN B 88 -22.69 -14.10 -11.00
CA ASN B 88 -22.06 -14.69 -12.17
C ASN B 88 -21.67 -16.12 -11.84
N VAL B 89 -22.70 -16.95 -11.80
CA VAL B 89 -22.60 -18.38 -11.56
C VAL B 89 -21.44 -19.07 -12.31
N ASP B 90 -21.20 -18.62 -13.55
CA ASP B 90 -20.16 -19.21 -14.40
C ASP B 90 -18.77 -19.08 -13.78
N GLN B 91 -18.41 -17.86 -13.44
CA GLN B 91 -17.13 -17.57 -12.85
C GLN B 91 -16.95 -17.76 -11.35
N ASP B 92 -17.93 -18.36 -10.67
CA ASP B 92 -17.96 -18.55 -9.19
C ASP B 92 -17.96 -17.23 -8.37
N LEU B 93 -18.56 -16.20 -8.94
CA LEU B 93 -18.40 -14.86 -8.46
C LEU B 93 -19.67 -14.18 -8.05
N VAL B 94 -19.63 -13.48 -6.93
CA VAL B 94 -20.79 -12.74 -6.49
C VAL B 94 -20.31 -11.41 -5.94
N GLY B 95 -21.13 -10.37 -6.00
CA GLY B 95 -20.76 -9.07 -5.44
C GLY B 95 -21.98 -8.31 -4.92
N TRP B 96 -21.87 -7.69 -3.72
CA TRP B 96 -22.87 -6.73 -3.21
C TRP B 96 -22.24 -5.34 -3.16
N PRO B 97 -22.97 -4.29 -2.85
CA PRO B 97 -22.30 -2.99 -2.70
C PRO B 97 -21.40 -3.08 -1.50
N ALA B 98 -20.23 -2.43 -1.53
CA ALA B 98 -19.30 -2.49 -0.39
C ALA B 98 -20.03 -2.08 0.90
N PRO B 99 -19.89 -2.80 1.99
CA PRO B 99 -20.60 -2.45 3.23
C PRO B 99 -19.90 -1.31 3.99
N GLN B 100 -20.52 -0.90 5.08
CA GLN B 100 -19.83 0.08 5.91
C GLN B 100 -18.63 -0.53 6.66
N GLY B 101 -17.66 0.34 7.00
CA GLY B 101 -16.42 -0.10 7.64
C GLY B 101 -15.44 -0.73 6.65
N SER B 102 -15.70 -0.51 5.35
CA SER B 102 -14.95 -1.10 4.27
C SER B 102 -14.23 -0.08 3.44
N ARG B 103 -13.17 -0.50 2.73
CA ARG B 103 -12.53 0.32 1.70
C ARG B 103 -12.11 -0.61 0.56
N SER B 104 -11.93 -0.08 -0.63
CA SER B 104 -11.67 -0.89 -1.81
C SER B 104 -10.23 -1.03 -2.20
N LEU B 105 -9.89 -2.23 -2.67
CA LEU B 105 -8.61 -2.49 -3.22
C LEU B 105 -8.57 -2.04 -4.68
N THR B 106 -7.38 -1.68 -5.11
CA THR B 106 -7.20 -1.26 -6.48
C THR B 106 -6.82 -2.48 -7.33
N PRO B 107 -7.34 -2.63 -8.53
CA PRO B 107 -6.91 -3.76 -9.38
C PRO B 107 -5.44 -3.64 -9.76
N CYS B 108 -4.72 -4.75 -9.70
CA CYS B 108 -3.33 -4.74 -10.15
C CYS B 108 -3.18 -4.34 -11.61
N THR B 109 -2.18 -3.54 -11.91
CA THR B 109 -1.95 -3.23 -13.29
C THR B 109 -0.48 -3.46 -13.64
N CYS B 110 0.29 -4.10 -12.76
CA CYS B 110 1.74 -4.23 -13.08
C CYS B 110 2.09 -5.57 -13.75
N GLY B 111 1.07 -6.36 -14.04
CA GLY B 111 1.26 -7.68 -14.59
C GLY B 111 2.26 -8.57 -13.86
N SER B 112 2.65 -8.30 -12.63
CA SER B 112 3.60 -9.18 -11.95
C SER B 112 3.05 -10.61 -11.67
N SER B 113 3.95 -11.53 -11.36
CA SER B 113 3.59 -12.94 -11.14
C SER B 113 3.93 -13.37 -9.76
N ASP B 114 4.43 -12.42 -8.97
CA ASP B 114 4.71 -12.74 -7.61
C ASP B 114 3.51 -12.33 -6.78
N LEU B 115 2.65 -13.29 -6.47
CA LEU B 115 1.43 -12.95 -5.80
C LEU B 115 1.47 -13.19 -4.29
N TYR B 116 0.49 -12.65 -3.55
CA TYR B 116 0.40 -12.96 -2.14
C TYR B 116 -1.02 -13.19 -1.74
N LEU B 117 -1.27 -14.31 -1.08
CA LEU B 117 -2.58 -14.68 -0.68
C LEU B 117 -2.80 -14.30 0.74
N VAL B 118 -3.94 -13.67 1.05
CA VAL B 118 -4.15 -13.33 2.44
C VAL B 118 -5.20 -14.22 3.00
N THR B 119 -4.99 -14.83 4.15
CA THR B 119 -6.02 -15.75 4.67
C THR B 119 -6.84 -15.09 5.67
N ARG B 120 -7.86 -15.77 6.16
CA ARG B 120 -8.80 -15.23 7.11
C ARG B 120 -8.09 -15.08 8.45
N HIS B 121 -6.88 -15.58 8.58
CA HIS B 121 -6.14 -15.34 9.85
C HIS B 121 -5.15 -14.23 9.71
N ALA B 122 -5.15 -13.59 8.54
CA ALA B 122 -4.27 -12.51 8.17
C ALA B 122 -2.86 -13.05 7.91
N ASP B 123 -2.75 -14.32 7.57
CA ASP B 123 -1.41 -14.79 7.17
C ASP B 123 -1.30 -14.45 5.72
N VAL B 124 -0.05 -14.29 5.30
CA VAL B 124 0.25 -13.94 3.94
C VAL B 124 1.09 -15.04 3.37
N ILE B 125 0.68 -15.63 2.24
CA ILE B 125 1.53 -16.64 1.64
C ILE B 125 1.79 -16.40 0.21
N PRO B 126 3.07 -16.43 -0.13
CA PRO B 126 3.50 -16.14 -1.52
C PRO B 126 3.04 -17.20 -2.49
N VAL B 127 2.64 -16.76 -3.67
CA VAL B 127 2.09 -17.71 -4.62
C VAL B 127 2.65 -17.30 -5.94
N ARG B 128 3.23 -18.23 -6.67
CA ARG B 128 3.76 -17.90 -7.97
C ARG B 128 2.68 -18.23 -8.97
N ARG B 129 2.45 -17.29 -9.87
CA ARG B 129 1.38 -17.36 -10.83
C ARG B 129 1.76 -18.28 -11.94
N ARG B 130 0.89 -19.22 -12.22
CA ARG B 130 1.13 -20.22 -13.26
C ARG B 130 0.43 -19.82 -14.54
N GLY B 131 -0.89 -19.77 -14.56
CA GLY B 131 -1.56 -19.29 -15.75
C GLY B 131 -2.57 -18.23 -15.37
N ASP B 132 -3.55 -18.02 -16.24
CA ASP B 132 -4.66 -17.09 -15.98
C ASP B 132 -5.30 -17.11 -14.62
N SER B 133 -5.61 -18.33 -14.14
CA SER B 133 -6.40 -18.50 -12.97
C SER B 133 -5.80 -19.46 -11.94
N ARG B 134 -4.52 -19.69 -12.09
CA ARG B 134 -3.92 -20.65 -11.20
C ARG B 134 -2.58 -20.11 -10.76
N GLY B 135 -2.20 -20.44 -9.52
CA GLY B 135 -0.87 -20.13 -9.07
C GLY B 135 -0.49 -21.19 -8.06
N SER B 136 0.82 -21.42 -7.89
CA SER B 136 1.35 -22.43 -6.95
C SER B 136 2.03 -21.80 -5.73
N LEU B 137 1.75 -22.36 -4.55
CA LEU B 137 2.41 -21.93 -3.32
C LEU B 137 3.90 -22.05 -3.50
N LEU B 138 4.68 -21.15 -2.88
CA LEU B 138 6.14 -21.25 -2.90
C LEU B 138 6.51 -22.17 -1.80
N SER B 139 5.53 -22.66 -1.08
CA SER B 139 5.85 -23.26 0.19
C SER B 139 4.48 -23.79 0.69
N PRO B 140 4.32 -25.09 0.45
CA PRO B 140 3.01 -25.72 0.49
C PRO B 140 2.55 -25.88 1.91
N ARG B 141 1.25 -25.98 2.13
CA ARG B 141 0.72 -25.90 3.48
C ARG B 141 -0.33 -26.94 3.63
N PRO B 142 -0.56 -27.41 4.85
CA PRO B 142 -1.70 -28.30 5.10
C PRO B 142 -3.02 -27.68 4.60
N ILE B 143 -3.96 -28.51 4.16
CA ILE B 143 -5.26 -28.06 3.66
C ILE B 143 -5.95 -26.99 4.58
N SER B 144 -6.06 -27.28 5.87
CA SER B 144 -6.75 -26.41 6.84
C SER B 144 -6.13 -25.00 6.99
N TYR B 145 -4.84 -24.87 6.72
CA TYR B 145 -4.27 -23.54 6.78
C TYR B 145 -5.00 -22.58 5.83
N LEU B 146 -5.55 -23.05 4.71
CA LEU B 146 -6.31 -22.17 3.81
C LEU B 146 -7.83 -22.23 4.03
N LYS B 147 -8.29 -23.18 4.83
CA LYS B 147 -9.72 -23.34 5.02
C LYS B 147 -10.42 -22.05 5.49
N GLY B 148 -11.42 -21.64 4.70
CA GLY B 148 -12.24 -20.48 4.99
C GLY B 148 -11.64 -19.19 4.50
N SER B 149 -10.82 -19.24 3.47
CA SER B 149 -10.14 -18.06 3.02
C SER B 149 -10.57 -17.77 1.62
N SER B 150 -11.37 -18.64 1.05
CA SER B 150 -11.75 -18.34 -0.32
C SER B 150 -12.67 -17.13 -0.31
N GLY B 151 -12.43 -16.28 -1.31
CA GLY B 151 -13.03 -14.97 -1.36
C GLY B 151 -12.00 -13.91 -1.01
N GLY B 152 -10.97 -14.36 -0.33
CA GLY B 152 -9.87 -13.47 0.02
C GLY B 152 -9.08 -13.05 -1.20
N PRO B 153 -8.24 -12.04 -1.04
CA PRO B 153 -7.55 -11.51 -2.20
C PRO B 153 -6.20 -12.19 -2.48
N LEU B 154 -5.80 -12.12 -3.75
CA LEU B 154 -4.47 -12.46 -4.15
C LEU B 154 -3.84 -11.15 -4.57
N LEU B 155 -2.88 -10.66 -3.79
CA LEU B 155 -2.27 -9.35 -4.06
C LEU B 155 -0.97 -9.48 -4.82
N CYS B 156 -0.66 -8.49 -5.68
CA CYS B 156 0.66 -8.36 -6.30
C CYS B 156 1.65 -7.67 -5.33
N PRO B 157 2.91 -7.45 -5.72
CA PRO B 157 3.86 -6.77 -4.81
C PRO B 157 3.38 -5.38 -4.35
N ALA B 158 2.62 -4.70 -5.21
CA ALA B 158 2.06 -3.40 -4.80
C ALA B 158 0.91 -3.49 -3.80
N GLY B 159 0.47 -4.72 -3.48
CA GLY B 159 -0.70 -4.90 -2.66
C GLY B 159 -1.98 -4.62 -3.46
N HIS B 160 -1.88 -4.41 -4.78
CA HIS B 160 -3.06 -4.30 -5.66
C HIS B 160 -3.68 -5.69 -5.91
N ALA B 161 -4.99 -5.76 -6.21
CA ALA B 161 -5.72 -7.04 -6.33
C ALA B 161 -5.49 -7.70 -7.64
N VAL B 162 -5.03 -8.94 -7.58
CA VAL B 162 -4.82 -9.68 -8.84
C VAL B 162 -6.02 -10.63 -9.07
N GLY B 163 -6.64 -11.12 -7.96
CA GLY B 163 -7.75 -12.02 -8.03
C GLY B 163 -8.39 -12.39 -6.70
N LEU B 164 -9.49 -13.13 -6.75
CA LEU B 164 -10.00 -13.61 -5.49
C LEU B 164 -9.66 -15.08 -5.44
N PHE B 165 -9.06 -15.50 -4.35
CA PHE B 165 -8.87 -16.88 -4.08
C PHE B 165 -10.20 -17.59 -4.22
N ARG B 166 -10.25 -18.47 -5.22
CA ARG B 166 -11.42 -19.27 -5.58
C ARG B 166 -11.47 -20.61 -4.89
N ALA B 167 -10.40 -21.40 -5.01
CA ALA B 167 -10.31 -22.73 -4.34
C ALA B 167 -8.90 -23.30 -4.19
N ALA B 168 -8.72 -24.08 -3.11
CA ALA B 168 -7.44 -24.77 -2.82
C ALA B 168 -7.27 -25.99 -3.75
N VAL B 169 -6.14 -26.07 -4.47
CA VAL B 169 -5.80 -27.29 -5.22
C VAL B 169 -4.99 -28.28 -4.37
N CYS B 170 -5.66 -29.32 -3.87
CA CYS B 170 -5.08 -30.32 -2.92
C CYS B 170 -4.64 -31.70 -3.42
N THR B 171 -3.58 -32.20 -2.82
CA THR B 171 -3.05 -33.53 -3.04
C THR B 171 -2.94 -34.10 -1.66
N ARG B 172 -3.89 -34.94 -1.27
CA ARG B 172 -3.84 -35.60 0.03
C ARG B 172 -3.53 -34.70 1.23
N GLY B 173 -4.50 -33.89 1.61
CA GLY B 173 -4.32 -32.98 2.75
C GLY B 173 -3.28 -31.86 2.65
N VAL B 174 -2.62 -31.71 1.49
CA VAL B 174 -1.59 -30.70 1.35
C VAL B 174 -1.94 -29.79 0.17
N THR B 175 -1.92 -28.47 0.36
CA THR B 175 -2.31 -27.58 -0.71
C THR B 175 -1.04 -27.07 -1.28
N LYS B 176 -0.90 -27.12 -2.60
CA LYS B 176 0.37 -26.69 -3.22
C LYS B 176 0.04 -25.70 -4.24
N ALA B 177 -1.25 -25.51 -4.48
CA ALA B 177 -1.64 -24.48 -5.43
C ALA B 177 -3.06 -23.99 -5.18
N VAL B 178 -3.44 -22.97 -5.96
CA VAL B 178 -4.72 -22.30 -5.81
C VAL B 178 -5.25 -21.85 -7.16
N ASP B 179 -6.57 -21.94 -7.19
CA ASP B 179 -7.36 -21.41 -8.24
C ASP B 179 -7.86 -20.05 -7.77
N PHE B 180 -8.02 -19.14 -8.72
CA PHE B 180 -8.55 -17.83 -8.39
C PHE B 180 -9.37 -17.16 -9.52
N ILE B 181 -10.24 -16.22 -9.15
CA ILE B 181 -10.95 -15.45 -10.16
C ILE B 181 -10.09 -14.25 -10.54
N PRO B 182 -9.67 -14.18 -11.77
CA PRO B 182 -8.81 -13.05 -12.16
C PRO B 182 -9.59 -11.74 -11.97
N VAL B 183 -8.89 -10.70 -11.54
CA VAL B 183 -9.54 -9.41 -11.35
C VAL B 183 -10.26 -8.87 -12.61
N GLU B 184 -9.79 -9.26 -13.78
CA GLU B 184 -10.44 -8.84 -15.03
C GLU B 184 -11.87 -9.42 -15.17
N ASN B 185 -12.09 -10.64 -14.69
CA ASN B 185 -13.43 -11.17 -14.68
C ASN B 185 -14.30 -10.20 -13.91
N LEU B 186 -13.83 -9.72 -12.76
CA LEU B 186 -14.65 -8.81 -11.97
C LEU B 186 -14.82 -7.56 -12.75
N GLU B 187 -13.75 -7.07 -13.38
CA GLU B 187 -13.88 -5.80 -14.11
C GLU B 187 -14.94 -5.91 -15.23
N THR B 188 -14.96 -7.04 -15.96
CA THR B 188 -15.87 -7.20 -17.10
C THR B 188 -17.30 -7.43 -16.62
N THR B 189 -17.49 -8.31 -15.62
CA THR B 189 -18.79 -8.56 -14.96
C THR B 189 -19.53 -7.23 -14.67
N MET B 190 -18.79 -6.17 -14.40
CA MET B 190 -19.32 -4.82 -14.22
C MET B 190 -19.82 -4.09 -15.53
N ARG B 191 -20.08 -4.78 -16.65
CA ARG B 191 -20.67 -4.08 -17.82
C ARG B 191 -21.70 -4.92 -18.58
N LYS C 2 14.14 32.02 9.12
CA LYS C 2 13.51 30.90 8.34
C LYS C 2 13.11 29.65 9.16
N GLY C 3 11.88 29.19 8.95
CA GLY C 3 11.28 28.14 9.77
C GLY C 3 11.90 26.76 9.61
N SER C 4 11.81 25.95 10.66
CA SER C 4 12.16 24.55 10.56
C SER C 4 11.14 23.71 9.72
N VAL C 5 11.61 22.63 9.10
CA VAL C 5 10.75 21.65 8.45
C VAL C 5 10.17 20.91 9.61
N VAL C 6 8.88 20.56 9.47
CA VAL C 6 8.14 19.91 10.56
C VAL C 6 7.48 18.64 10.13
N ILE C 7 7.60 17.62 10.95
CA ILE C 7 6.85 16.41 10.68
C ILE C 7 5.40 16.67 11.06
N VAL C 8 4.52 16.52 10.09
CA VAL C 8 3.11 16.65 10.31
C VAL C 8 2.28 15.35 10.15
N GLY C 9 2.96 14.25 9.88
CA GLY C 9 2.33 12.95 9.67
C GLY C 9 3.31 11.91 9.16
N ARG C 10 2.89 10.66 9.05
CA ARG C 10 3.83 9.63 8.61
C ARG C 10 3.15 8.57 7.76
N ILE C 11 3.94 7.92 6.93
CA ILE C 11 3.47 6.77 6.20
C ILE C 11 4.19 5.51 6.75
N VAL C 12 3.46 4.45 7.08
CA VAL C 12 4.05 3.23 7.65
C VAL C 12 4.00 2.03 6.68
N LEU C 13 5.18 1.55 6.28
CA LEU C 13 5.30 0.52 5.24
C LEU C 13 5.42 -0.84 5.84
N SER C 14 5.80 -0.93 7.09
CA SER C 14 6.11 -2.20 7.69
C SER C 14 4.97 -2.84 8.45
N GLY C 15 3.79 -2.24 8.41
CA GLY C 15 2.65 -2.84 9.04
C GLY C 15 2.28 -3.98 8.12
N LYS C 16 1.70 -5.05 8.69
CA LYS C 16 1.27 -6.17 7.82
C LYS C 16 -0.21 -6.50 8.09
N PRO C 17 -0.88 -7.22 7.18
CA PRO C 17 -2.31 -7.48 7.29
C PRO C 17 -2.75 -7.86 8.67
N ALA C 18 -3.82 -7.27 9.17
CA ALA C 18 -4.29 -7.61 10.48
C ALA C 18 -5.82 -7.68 10.54
N ILE C 19 -6.30 -8.42 11.51
CA ILE C 19 -7.69 -8.47 11.75
C ILE C 19 -7.99 -7.23 12.57
N ILE C 20 -9.03 -6.45 12.24
CA ILE C 20 -9.29 -5.24 13.03
C ILE C 20 -9.82 -5.61 14.43
N PRO C 21 -9.13 -5.22 15.51
CA PRO C 21 -9.61 -5.56 16.88
C PRO C 21 -11.00 -4.97 17.13
N LYS C 22 -11.78 -5.64 17.97
CA LYS C 22 -13.12 -5.18 18.35
C LYS C 22 -13.14 -4.51 19.71
N GLY D 3 -31.48 -17.44 4.52
CA GLY D 3 -30.50 -16.68 5.44
C GLY D 3 -29.56 -15.63 4.79
N SER D 4 -29.09 -14.66 5.57
CA SER D 4 -28.14 -13.68 4.98
C SER D 4 -26.58 -13.97 5.14
N VAL D 5 -25.73 -13.50 4.22
CA VAL D 5 -24.31 -13.51 4.57
C VAL D 5 -24.10 -12.39 5.62
N VAL D 6 -23.55 -12.76 6.77
CA VAL D 6 -23.24 -11.86 7.85
C VAL D 6 -21.71 -11.50 7.86
N ILE D 7 -21.34 -10.30 8.27
CA ILE D 7 -19.94 -9.95 8.31
C ILE D 7 -19.45 -10.19 9.72
N VAL D 8 -18.47 -11.08 9.89
CA VAL D 8 -17.99 -11.39 11.26
C VAL D 8 -16.72 -10.71 11.78
N GLY D 9 -15.95 -10.10 10.89
CA GLY D 9 -14.74 -9.42 11.29
C GLY D 9 -14.24 -8.77 10.03
N ARG D 10 -13.18 -7.97 10.18
CA ARG D 10 -12.56 -7.28 9.06
C ARG D 10 -11.05 -7.43 9.09
N ILE D 11 -10.41 -7.32 7.93
CA ILE D 11 -8.96 -7.34 7.84
C ILE D 11 -8.46 -6.09 7.14
N VAL D 12 -7.59 -5.33 7.81
CA VAL D 12 -6.90 -4.20 7.16
C VAL D 12 -5.53 -4.63 6.59
N LEU D 13 -5.36 -4.57 5.29
CA LEU D 13 -4.17 -5.10 4.70
C LEU D 13 -2.90 -4.35 5.03
N SER D 14 -3.06 -3.10 5.48
CA SER D 14 -1.90 -2.26 5.77
C SER D 14 -1.46 -2.44 7.20
N GLY D 15 -2.25 -3.15 8.02
CA GLY D 15 -1.94 -3.25 9.45
C GLY D 15 -2.26 -2.01 10.25
N LYS D 16 -2.91 -1.00 9.65
CA LYS D 16 -3.24 0.26 10.34
C LYS D 16 -3.98 0.10 11.67
N PRO D 17 -3.39 0.55 12.76
CA PRO D 17 -3.98 0.42 14.10
C PRO D 17 -5.05 1.48 14.47
N ALA D 18 -5.96 1.15 15.41
CA ALA D 18 -7.14 2.00 15.81
C ALA D 18 -7.00 3.55 15.70
#